data_3OUB
#
_entry.id   3OUB
#
_cell.length_a   45.613
_cell.length_b   45.613
_cell.length_c   101.998
_cell.angle_alpha   90.00
_cell.angle_beta   90.00
_cell.angle_gamma   90.00
#
_symmetry.space_group_name_H-M   'P 41'
#
loop_
_entity.id
_entity.type
_entity.pdbx_description
1 polymer 'MDR HIV-1 protease'
2 polymer 'NC/p1 substrate peptide'
3 water water
#
loop_
_entity_poly.entity_id
_entity_poly.type
_entity_poly.pdbx_seq_one_letter_code
_entity_poly.pdbx_strand_id
1 'polypeptide(L)'
;PQITLWQRPIVTIKIGGQLKEALLNTGADDTVLEEVNLPGRWKPKLIGGIGGFVKVRQYDQVPIEICGHKVIGTVLVGPT
PTNVIGRNLMTQIGCTLNF
;
A,B
2 'polypeptide(L)' QVNFLGK P
#
# COMPACT_ATOMS: atom_id res chain seq x y z
N PRO A 1 10.70 -4.63 14.62
CA PRO A 1 9.96 -5.89 14.53
C PRO A 1 9.99 -6.49 13.14
N GLN A 2 9.60 -7.75 13.04
CA GLN A 2 9.30 -8.37 11.75
C GLN A 2 7.79 -8.59 11.70
N ILE A 3 7.15 -7.96 10.70
CA ILE A 3 5.70 -7.91 10.62
C ILE A 3 5.24 -8.74 9.43
N THR A 4 4.56 -9.85 9.71
CA THR A 4 3.97 -10.63 8.63
C THR A 4 2.70 -9.95 8.10
N LEU A 5 2.24 -10.39 6.94
CA LEU A 5 1.21 -9.65 6.24
C LEU A 5 -0.15 -10.37 6.12
N TRP A 6 -0.38 -11.33 7.02
CA TRP A 6 -1.67 -12.04 7.05
C TRP A 6 -2.81 -11.13 7.48
N GLN A 7 -2.48 -10.12 8.29
CA GLN A 7 -3.40 -9.07 8.71
C GLN A 7 -2.87 -7.73 8.20
N ARG A 8 -3.71 -6.70 8.23
CA ARG A 8 -3.28 -5.35 7.87
C ARG A 8 -2.20 -4.87 8.83
N PRO A 9 -1.06 -4.36 8.30
CA PRO A 9 0.03 -3.92 9.18
C PRO A 9 -0.23 -2.56 9.83
N ILE A 10 -1.11 -2.59 10.82
CA ILE A 10 -1.48 -1.38 11.58
C ILE A 10 -0.55 -1.28 12.80
N VAL A 11 0.00 -0.09 13.00
CA VAL A 11 0.90 0.16 14.11
C VAL A 11 0.47 1.40 14.87
N THR A 12 0.96 1.50 16.10
CA THR A 12 0.75 2.67 16.94
C THR A 12 1.77 3.76 16.60
N ILE A 13 1.28 5.00 16.54
CA ILE A 13 2.14 6.14 16.29
C ILE A 13 1.86 7.20 17.34
N LYS A 14 2.85 8.05 17.57
CA LYS A 14 2.67 9.25 18.40
C LYS A 14 2.93 10.48 17.54
N ILE A 15 1.93 11.35 17.42
CA ILE A 15 2.01 12.50 16.53
C ILE A 15 1.25 13.66 17.15
N GLY A 16 1.86 14.84 17.16
CA GLY A 16 1.22 16.05 17.66
C GLY A 16 0.71 15.94 19.09
N GLY A 17 1.37 15.11 19.90
CA GLY A 17 0.96 14.89 21.29
C GLY A 17 -0.17 13.87 21.45
N GLN A 18 -0.54 13.19 20.37
CA GLN A 18 -1.64 12.23 20.40
C GLN A 18 -1.13 10.82 20.07
N LEU A 19 -1.80 9.80 20.59
CA LEU A 19 -1.56 8.41 20.20
C LEU A 19 -2.57 8.07 19.12
N LYS A 20 -2.12 7.45 18.04
CA LYS A 20 -2.99 7.10 16.94
C LYS A 20 -2.56 5.76 16.39
N GLU A 21 -3.36 5.19 15.50
CA GLU A 21 -2.98 3.99 14.73
C GLU A 21 -2.92 4.35 13.26
N ALA A 22 -2.00 3.68 12.54
CA ALA A 22 -1.86 3.93 11.11
C ALA A 22 -1.38 2.67 10.41
N LEU A 23 -1.67 2.60 9.11
CA LEU A 23 -1.34 1.45 8.26
C LEU A 23 0.00 1.69 7.55
N LEU A 24 0.93 0.74 7.72
CA LEU A 24 2.20 0.76 6.98
C LEU A 24 1.92 0.38 5.56
N ASN A 25 1.99 1.37 4.67
CA ASN A 25 1.51 1.22 3.31
C ASN A 25 2.58 1.46 2.25
N THR A 26 3.18 0.37 1.76
CA THR A 26 4.27 0.49 0.82
C THR A 26 3.75 0.95 -0.55
N GLY A 27 2.44 0.91 -0.74
CA GLY A 27 1.84 1.44 -1.98
C GLY A 27 1.60 2.93 -1.97
N ALA A 28 1.85 3.58 -0.83
CA ALA A 28 1.61 5.00 -0.72
C ALA A 28 2.93 5.76 -0.69
N ASP A 29 3.05 6.78 -1.53
CA ASP A 29 4.27 7.60 -1.55
C ASP A 29 4.38 8.43 -0.27
N ASP A 30 3.23 8.90 0.21
CA ASP A 30 3.16 9.91 1.26
C ASP A 30 2.38 9.41 2.46
N THR A 31 2.57 10.09 3.59
CA THR A 31 1.88 9.78 4.84
C THR A 31 0.71 10.76 4.99
N VAL A 32 -0.49 10.19 5.21
CA VAL A 32 -1.70 11.01 5.34
C VAL A 32 -2.39 10.60 6.63
N LEU A 33 -2.63 11.59 7.50
CA LEU A 33 -3.28 11.32 8.78
C LEU A 33 -4.43 12.31 8.96
N GLU A 34 -5.49 11.85 9.60
CA GLU A 34 -6.64 12.72 9.90
C GLU A 34 -6.71 13.05 11.39
N GLU A 35 -7.38 14.15 11.72
CA GLU A 35 -7.67 14.49 13.13
C GLU A 35 -6.41 14.68 13.97
N VAL A 36 -5.44 15.36 13.40
CA VAL A 36 -4.27 15.78 14.16
C VAL A 36 -4.10 17.28 14.02
N ASN A 37 -3.76 17.92 15.13
CA ASN A 37 -3.48 19.33 15.12
C ASN A 37 -1.97 19.44 15.26
N LEU A 38 -1.33 19.90 14.19
CA LEU A 38 0.10 20.09 14.19
C LEU A 38 0.41 21.58 14.29
N PRO A 39 1.45 21.93 15.04
CA PRO A 39 1.90 23.33 15.17
C PRO A 39 2.81 23.74 14.01
N GLY A 40 3.05 25.02 13.83
CA GLY A 40 4.00 25.37 12.76
C GLY A 40 3.43 25.38 11.34
N ARG A 41 4.32 25.59 10.37
CA ARG A 41 3.90 26.03 9.04
C ARG A 41 3.36 24.90 8.20
N TRP A 42 2.43 25.25 7.31
CA TRP A 42 1.92 24.28 6.33
C TRP A 42 1.60 24.98 5.01
N LYS A 43 1.45 24.17 3.97
CA LYS A 43 0.96 24.66 2.68
C LYS A 43 -0.04 23.66 2.14
N PRO A 44 -1.04 24.12 1.38
CA PRO A 44 -1.96 23.16 0.74
C PRO A 44 -1.26 22.29 -0.30
N LYS A 45 -1.73 21.06 -0.43
CA LYS A 45 -1.22 20.12 -1.41
C LYS A 45 -2.41 19.35 -1.97
N LEU A 46 -2.42 19.17 -3.29
CA LEU A 46 -3.40 18.31 -3.94
C LEU A 46 -2.86 16.90 -4.10
N ILE A 47 -3.64 15.94 -3.64
CA ILE A 47 -3.24 14.53 -3.75
C ILE A 47 -4.35 13.71 -4.41
N GLY A 48 -4.12 12.41 -4.54
CA GLY A 48 -5.04 11.55 -5.28
C GLY A 48 -4.99 11.93 -6.75
N GLY A 49 -6.17 12.17 -7.32
CA GLY A 49 -6.27 12.38 -8.77
C GLY A 49 -7.37 11.58 -9.47
N ILE A 50 -7.87 10.53 -8.83
CA ILE A 50 -9.06 9.85 -9.32
C ILE A 50 -10.32 10.58 -8.82
N GLY A 51 -11.22 10.95 -9.74
CA GLY A 51 -12.55 11.57 -9.45
C GLY A 51 -12.47 13.08 -9.21
N GLY A 52 -11.24 13.57 -9.17
CA GLY A 52 -10.90 14.93 -8.77
C GLY A 52 -9.64 14.80 -7.93
N PHE A 53 -9.31 15.86 -7.20
CA PHE A 53 -8.17 15.83 -6.28
C PHE A 53 -8.69 16.08 -4.88
N VAL A 54 -7.91 15.63 -3.89
CA VAL A 54 -8.17 15.90 -2.47
C VAL A 54 -7.13 16.89 -2.01
N LYS A 55 -7.55 17.96 -1.33
CA LYS A 55 -6.63 18.98 -0.79
C LYS A 55 -6.33 18.65 0.67
N VAL A 56 -5.03 18.64 0.98
CA VAL A 56 -4.57 18.36 2.34
C VAL A 56 -3.59 19.46 2.75
N ARG A 57 -3.30 19.52 4.04
CA ARG A 57 -2.25 20.42 4.54
C ARG A 57 -0.93 19.66 4.66
N GLN A 58 0.09 20.17 3.99
CA GLN A 58 1.43 19.61 4.03
C GLN A 58 2.25 20.28 5.13
N TYR A 59 2.66 19.49 6.10
CA TYR A 59 3.58 19.94 7.16
C TYR A 59 4.90 19.23 6.92
N ASP A 60 5.96 20.01 6.81
CA ASP A 60 7.28 19.42 6.60
C ASP A 60 8.03 19.18 7.91
N GLN A 61 8.95 18.20 7.86
CA GLN A 61 9.85 17.89 8.97
C GLN A 61 9.10 17.78 10.30
N VAL A 62 8.09 16.91 10.34
CA VAL A 62 7.28 16.73 11.51
C VAL A 62 7.88 15.59 12.35
N PRO A 63 8.13 15.84 13.64
CA PRO A 63 8.56 14.72 14.50
C PRO A 63 7.40 13.74 14.72
N ILE A 64 7.69 12.46 14.56
CA ILE A 64 6.67 11.43 14.71
C ILE A 64 7.33 10.16 15.20
N GLU A 65 6.65 9.48 16.12
CA GLU A 65 7.15 8.19 16.58
C GLU A 65 6.30 7.08 15.98
N ILE A 66 6.95 6.10 15.35
CA ILE A 66 6.21 5.06 14.64
C ILE A 66 6.69 3.75 15.21
N CYS A 67 5.80 3.07 15.92
CA CYS A 67 6.13 1.80 16.51
C CYS A 67 7.48 1.91 17.25
N GLY A 68 7.61 2.95 18.09
CA GLY A 68 8.80 3.13 18.94
C GLY A 68 9.99 3.85 18.34
N HIS A 69 9.95 4.10 17.03
CA HIS A 69 11.04 4.76 16.31
C HIS A 69 10.71 6.25 16.14
N LYS A 70 11.52 7.10 16.75
CA LYS A 70 11.34 8.55 16.65
C LYS A 70 12.05 9.05 15.41
N VAL A 71 11.27 9.57 14.47
CA VAL A 71 11.80 10.04 13.21
C VAL A 71 11.21 11.40 12.85
N ILE A 72 11.57 11.87 11.65
CA ILE A 72 11.10 13.16 11.13
C ILE A 72 10.71 12.95 9.67
N GLY A 73 9.57 13.51 9.27
CA GLY A 73 9.18 13.47 7.88
C GLY A 73 7.97 14.32 7.60
N THR A 74 7.67 14.49 6.32
CA THR A 74 6.49 15.23 5.89
C THR A 74 5.23 14.46 6.27
N VAL A 75 4.27 15.17 6.86
CA VAL A 75 2.96 14.57 7.15
C VAL A 75 1.89 15.41 6.47
N LEU A 76 1.05 14.75 5.71
CA LEU A 76 -0.11 15.40 5.08
C LEU A 76 -1.30 15.18 6.02
N VAL A 77 -2.01 16.26 6.33
CA VAL A 77 -3.15 16.18 7.24
C VAL A 77 -4.43 16.50 6.49
N GLY A 78 -5.36 15.55 6.54
CA GLY A 78 -6.66 15.71 5.88
C GLY A 78 -7.47 14.45 6.08
N PRO A 79 -8.79 14.53 5.84
CA PRO A 79 -9.60 13.32 6.06
C PRO A 79 -9.18 12.24 5.08
N THR A 80 -8.93 11.05 5.62
CA THR A 80 -8.46 9.93 4.82
C THR A 80 -9.24 8.73 5.32
N PRO A 81 -9.64 7.82 4.42
CA PRO A 81 -10.39 6.67 4.88
C PRO A 81 -9.65 5.88 5.97
N THR A 82 -8.33 5.87 5.91
CA THR A 82 -7.53 5.13 6.88
C THR A 82 -6.23 5.91 7.08
N ASN A 83 -5.76 6.04 8.32
CA ASN A 83 -4.46 6.71 8.54
C ASN A 83 -3.36 5.90 7.89
N VAL A 84 -2.49 6.56 7.14
CA VAL A 84 -1.48 5.84 6.34
C VAL A 84 -0.07 6.33 6.56
N ILE A 85 0.83 5.40 6.86
CA ILE A 85 2.27 5.70 6.88
C ILE A 85 2.81 5.29 5.52
N GLY A 86 3.23 6.27 4.72
CA GLY A 86 3.73 6.02 3.36
C GLY A 86 5.23 5.73 3.35
N ARG A 87 5.75 5.48 2.15
CA ARG A 87 7.18 5.22 2.00
C ARG A 87 8.06 6.32 2.59
N ASN A 88 7.62 7.59 2.52
CA ASN A 88 8.45 8.69 2.98
C ASN A 88 8.84 8.53 4.44
N LEU A 89 7.97 7.96 5.27
CA LEU A 89 8.34 7.69 6.68
C LEU A 89 8.86 6.28 6.94
N MET A 90 8.46 5.31 6.11
CA MET A 90 9.03 3.97 6.25
C MET A 90 10.54 4.00 5.98
N THR A 91 10.97 4.85 5.07
CA THR A 91 12.43 4.98 4.85
C THR A 91 13.14 5.49 6.09
N GLN A 92 12.49 6.44 6.78
CA GLN A 92 13.08 7.05 7.96
C GLN A 92 13.28 6.04 9.09
N ILE A 93 12.33 5.13 9.26
CA ILE A 93 12.41 4.14 10.33
C ILE A 93 13.26 2.91 9.94
N GLY A 94 13.71 2.89 8.68
CA GLY A 94 14.56 1.81 8.19
C GLY A 94 13.79 0.56 7.84
N CYS A 95 12.53 0.75 7.44
CA CYS A 95 11.66 -0.37 7.12
C CYS A 95 11.89 -0.89 5.69
N THR A 96 12.12 -2.18 5.58
CA THR A 96 12.31 -2.81 4.29
C THR A 96 11.32 -3.95 4.09
N LEU A 97 11.13 -4.33 2.83
CA LEU A 97 10.37 -5.54 2.50
C LEU A 97 11.38 -6.65 2.31
N ASN A 98 11.10 -7.81 2.90
CA ASN A 98 12.05 -8.93 2.87
C ASN A 98 11.38 -10.24 2.54
N PHE A 99 11.96 -10.96 1.58
CA PHE A 99 11.51 -12.31 1.25
C PHE A 99 12.61 -13.11 0.56
CA PRO B 1 15.73 -9.79 -1.60
C PRO B 1 15.31 -8.98 -0.38
N GLN B 2 16.13 -7.99 -0.04
CA GLN B 2 15.71 -6.94 0.87
C GLN B 2 15.49 -5.70 0.03
N ILE B 3 14.27 -5.16 0.09
CA ILE B 3 13.88 -4.02 -0.75
C ILE B 3 13.66 -2.77 0.10
N THR B 4 14.50 -1.76 -0.12
CA THR B 4 14.29 -0.48 0.56
C THR B 4 13.17 0.32 -0.12
N LEU B 5 12.67 1.34 0.57
CA LEU B 5 11.46 1.98 0.12
C LEU B 5 11.65 3.43 -0.37
N TRP B 6 12.88 3.76 -0.76
CA TRP B 6 13.16 5.10 -1.31
C TRP B 6 12.46 5.32 -2.64
N GLN B 7 12.28 4.23 -3.39
CA GLN B 7 11.53 4.21 -4.63
C GLN B 7 10.33 3.28 -4.47
N ARG B 8 9.39 3.35 -5.40
CA ARG B 8 8.24 2.43 -5.41
C ARG B 8 8.71 0.99 -5.60
N PRO B 9 8.25 0.06 -4.74
CA PRO B 9 8.72 -1.33 -4.81
C PRO B 9 8.05 -2.11 -5.93
N ILE B 10 8.52 -1.83 -7.15
CA ILE B 10 7.99 -2.47 -8.36
C ILE B 10 8.85 -3.70 -8.68
N VAL B 11 8.19 -4.83 -8.91
CA VAL B 11 8.87 -6.07 -9.20
C VAL B 11 8.30 -6.69 -10.46
N THR B 12 9.09 -7.58 -11.06
CA THR B 12 8.68 -8.36 -12.23
C THR B 12 7.90 -9.59 -11.76
N ILE B 13 6.83 -9.87 -12.49
CA ILE B 13 5.99 -11.03 -12.24
C ILE B 13 5.78 -11.78 -13.54
N LYS B 14 5.50 -13.07 -13.42
CA LYS B 14 5.06 -13.89 -14.55
C LYS B 14 3.69 -14.41 -14.23
N ILE B 15 2.72 -14.10 -15.10
CA ILE B 15 1.35 -14.54 -14.92
C ILE B 15 0.67 -14.75 -16.26
N GLY B 16 -0.08 -15.84 -16.36
CA GLY B 16 -0.85 -16.16 -17.57
C GLY B 16 0.02 -16.24 -18.81
N GLY B 17 1.29 -16.60 -18.63
CA GLY B 17 2.24 -16.68 -19.75
C GLY B 17 2.87 -15.35 -20.15
N GLN B 18 2.59 -14.30 -19.40
CA GLN B 18 3.10 -12.96 -19.73
C GLN B 18 4.08 -12.49 -18.64
N LEU B 19 5.03 -11.66 -19.03
CA LEU B 19 5.90 -10.94 -18.08
C LEU B 19 5.26 -9.58 -17.83
N LYS B 20 5.13 -9.20 -16.56
CA LYS B 20 4.54 -7.92 -16.23
C LYS B 20 5.32 -7.33 -15.07
N GLU B 21 5.00 -6.10 -14.72
CA GLU B 21 5.52 -5.45 -13.50
C GLU B 21 4.37 -5.12 -12.59
N ALA B 22 4.61 -5.19 -11.29
CA ALA B 22 3.59 -4.85 -10.31
C ALA B 22 4.21 -4.25 -9.05
N LEU B 23 3.39 -3.48 -8.33
CA LEU B 23 3.80 -2.80 -7.11
C LEU B 23 3.50 -3.66 -5.87
N LEU B 24 4.52 -3.91 -5.03
CA LEU B 24 4.31 -4.63 -3.75
C LEU B 24 3.65 -3.68 -2.78
N ASN B 25 2.37 -3.93 -2.51
CA ASN B 25 1.54 -2.93 -1.82
C ASN B 25 0.94 -3.48 -0.53
N THR B 26 1.60 -3.17 0.59
CA THR B 26 1.14 -3.68 1.88
C THR B 26 -0.16 -3.02 2.33
N GLY B 27 -0.54 -1.93 1.67
CA GLY B 27 -1.83 -1.29 1.94
C GLY B 27 -3.00 -1.92 1.22
N ALA B 28 -2.72 -2.88 0.34
CA ALA B 28 -3.78 -3.53 -0.44
C ALA B 28 -4.04 -4.93 0.06
N ASP B 29 -5.31 -5.25 0.34
CA ASP B 29 -5.67 -6.61 0.81
C ASP B 29 -5.48 -7.61 -0.34
N ASP B 30 -5.82 -7.18 -1.55
CA ASP B 30 -5.91 -8.08 -2.70
C ASP B 30 -4.95 -7.69 -3.82
N THR B 31 -4.73 -8.63 -4.72
CA THR B 31 -3.90 -8.42 -5.91
C THR B 31 -4.79 -8.11 -7.10
N VAL B 32 -4.51 -7.00 -7.78
CA VAL B 32 -5.32 -6.58 -8.93
C VAL B 32 -4.38 -6.31 -10.10
N LEU B 33 -4.63 -6.96 -11.23
CA LEU B 33 -3.77 -6.85 -12.39
C LEU B 33 -4.63 -6.59 -13.60
N GLU B 34 -4.12 -5.79 -14.53
CA GLU B 34 -4.87 -5.56 -15.78
C GLU B 34 -4.20 -6.22 -16.99
N GLU B 35 -4.97 -6.41 -18.06
CA GLU B 35 -4.40 -6.89 -19.34
C GLU B 35 -3.76 -8.26 -19.19
N VAL B 36 -4.43 -9.13 -18.47
CA VAL B 36 -4.02 -10.54 -18.37
C VAL B 36 -5.19 -11.44 -18.73
N ASN B 37 -4.87 -12.48 -19.49
CA ASN B 37 -5.86 -13.39 -19.95
C ASN B 37 -5.60 -14.69 -19.20
N LEU B 38 -6.43 -14.96 -18.20
CA LEU B 38 -6.27 -16.15 -17.38
C LEU B 38 -7.26 -17.22 -17.80
N PRO B 39 -6.82 -18.50 -17.80
CA PRO B 39 -7.71 -19.59 -18.13
C PRO B 39 -8.49 -20.05 -16.90
N GLY B 40 -9.51 -20.88 -17.09
CA GLY B 40 -10.19 -21.37 -15.89
C GLY B 40 -11.22 -20.42 -15.28
N ARG B 41 -11.79 -20.84 -14.16
CA ARG B 41 -13.04 -20.25 -13.69
C ARG B 41 -12.84 -18.90 -13.02
N TRP B 42 -13.84 -18.03 -13.17
CA TRP B 42 -13.85 -16.75 -12.45
C TRP B 42 -15.27 -16.39 -12.01
N LYS B 43 -15.34 -15.46 -11.08
CA LYS B 43 -16.62 -14.86 -10.67
C LYS B 43 -16.42 -13.37 -10.55
N PRO B 44 -17.48 -12.57 -10.81
CA PRO B 44 -17.35 -11.13 -10.57
C PRO B 44 -17.20 -10.80 -9.09
N LYS B 45 -16.46 -9.73 -8.83
CA LYS B 45 -16.25 -9.22 -7.48
C LYS B 45 -16.28 -7.71 -7.54
N LEU B 46 -16.96 -7.09 -6.58
CA LEU B 46 -16.94 -5.64 -6.43
C LEU B 46 -15.86 -5.23 -5.45
N ILE B 47 -14.99 -4.32 -5.88
CA ILE B 47 -13.93 -3.82 -5.00
C ILE B 47 -13.95 -2.30 -4.92
N GLY B 48 -13.03 -1.74 -4.15
CA GLY B 48 -13.02 -0.29 -3.91
C GLY B 48 -14.20 0.04 -3.04
N GLY B 49 -15.01 1.00 -3.47
CA GLY B 49 -16.11 1.54 -2.65
C GLY B 49 -16.14 3.05 -2.50
N ILE B 50 -15.08 3.72 -2.95
CA ILE B 50 -15.09 5.18 -3.06
C ILE B 50 -15.65 5.55 -4.43
N GLY B 51 -16.69 6.40 -4.46
CA GLY B 51 -17.31 6.96 -5.69
C GLY B 51 -18.27 5.98 -6.39
N GLY B 52 -18.33 4.79 -5.83
CA GLY B 52 -19.00 3.65 -6.41
C GLY B 52 -18.11 2.44 -6.17
N PHE B 53 -18.40 1.35 -6.87
CA PHE B 53 -17.55 0.16 -6.80
C PHE B 53 -16.99 -0.13 -8.18
N VAL B 54 -15.86 -0.84 -8.21
CA VAL B 54 -15.27 -1.33 -9.46
C VAL B 54 -15.50 -2.84 -9.49
N LYS B 55 -15.96 -3.36 -10.64
CA LYS B 55 -16.19 -4.80 -10.81
C LYS B 55 -14.98 -5.39 -11.50
N VAL B 56 -14.47 -6.47 -10.91
CA VAL B 56 -13.32 -7.21 -11.46
C VAL B 56 -13.70 -8.68 -11.55
N ARG B 57 -12.87 -9.43 -12.27
CA ARG B 57 -13.00 -10.89 -12.33
C ARG B 57 -12.05 -11.52 -11.32
N GLN B 58 -12.63 -12.29 -10.42
CA GLN B 58 -11.88 -13.01 -9.38
C GLN B 58 -11.53 -14.42 -9.86
N TYR B 59 -10.24 -14.67 -9.99
CA TYR B 59 -9.72 -16.01 -10.32
C TYR B 59 -9.06 -16.56 -9.07
N ASP B 60 -9.46 -17.74 -8.63
CA ASP B 60 -8.84 -18.32 -7.45
C ASP B 60 -7.69 -19.26 -7.79
N GLN B 61 -6.77 -19.39 -6.83
CA GLN B 61 -5.67 -20.35 -6.94
C GLN B 61 -4.91 -20.23 -8.27
N VAL B 62 -4.48 -19.00 -8.58
CA VAL B 62 -3.77 -18.73 -9.83
C VAL B 62 -2.27 -18.91 -9.59
N PRO B 63 -1.61 -19.74 -10.41
CA PRO B 63 -0.15 -19.78 -10.29
C PRO B 63 0.46 -18.47 -10.78
N ILE B 64 1.39 -17.93 -9.99
CA ILE B 64 2.02 -16.67 -10.34
C ILE B 64 3.44 -16.67 -9.81
N GLU B 65 4.36 -16.12 -10.59
CA GLU B 65 5.74 -15.97 -10.12
C GLU B 65 6.01 -14.51 -9.81
N ILE B 66 6.49 -14.25 -8.60
CA ILE B 66 6.69 -12.88 -8.17
C ILE B 66 8.14 -12.77 -7.76
N CYS B 67 8.89 -11.98 -8.52
CA CYS B 67 10.29 -11.78 -8.24
C CYS B 67 10.97 -13.13 -7.97
N GLY B 68 10.73 -14.09 -8.86
CA GLY B 68 11.40 -15.40 -8.78
C GLY B 68 10.74 -16.47 -7.90
N HIS B 69 9.71 -16.08 -7.15
CA HIS B 69 9.02 -16.97 -6.22
C HIS B 69 7.72 -17.47 -6.86
N LYS B 70 7.63 -18.77 -7.11
CA LYS B 70 6.43 -19.37 -7.71
C LYS B 70 5.46 -19.71 -6.60
N VAL B 71 4.31 -19.04 -6.63
CA VAL B 71 3.29 -19.22 -5.62
C VAL B 71 1.92 -19.35 -6.26
N ILE B 72 0.91 -19.41 -5.40
CA ILE B 72 -0.47 -19.56 -5.83
C ILE B 72 -1.31 -18.60 -5.00
N GLY B 73 -2.22 -17.88 -5.67
CA GLY B 73 -3.18 -17.09 -4.92
C GLY B 73 -4.25 -16.49 -5.80
N THR B 74 -5.21 -15.84 -5.15
CA THR B 74 -6.29 -15.19 -5.87
C THR B 74 -5.78 -13.97 -6.61
N VAL B 75 -6.17 -13.83 -7.88
CA VAL B 75 -5.83 -12.65 -8.65
C VAL B 75 -7.12 -12.05 -9.16
N LEU B 76 -7.28 -10.75 -8.93
CA LEU B 76 -8.42 -10.00 -9.45
C LEU B 76 -7.95 -9.36 -10.73
N VAL B 77 -8.72 -9.51 -11.81
CA VAL B 77 -8.33 -8.98 -13.10
C VAL B 77 -9.31 -7.90 -13.51
N GLY B 78 -8.78 -6.72 -13.76
CA GLY B 78 -9.58 -5.62 -14.22
C GLY B 78 -8.76 -4.36 -14.24
N PRO B 79 -9.41 -3.23 -14.59
CA PRO B 79 -8.73 -1.96 -14.71
C PRO B 79 -8.15 -1.54 -13.38
N THR B 80 -6.91 -1.11 -13.42
CA THR B 80 -6.28 -0.61 -12.23
C THR B 80 -5.24 0.38 -12.68
N PRO B 81 -5.19 1.53 -11.99
CA PRO B 81 -4.18 2.52 -12.35
C PRO B 81 -2.77 1.94 -12.34
N THR B 82 -2.49 0.99 -11.44
CA THR B 82 -1.17 0.41 -11.29
C THR B 82 -1.36 -1.08 -10.97
N ASN B 83 -0.59 -1.99 -11.59
CA ASN B 83 -0.72 -3.41 -11.19
C ASN B 83 -0.25 -3.55 -9.75
N VAL B 84 -1.05 -4.24 -8.94
CA VAL B 84 -0.78 -4.31 -7.50
C VAL B 84 -0.68 -5.73 -6.99
N ILE B 85 0.42 -6.03 -6.28
CA ILE B 85 0.53 -7.29 -5.52
C ILE B 85 0.12 -6.96 -4.08
N GLY B 86 -1.01 -7.51 -3.65
CA GLY B 86 -1.56 -7.21 -2.32
C GLY B 86 -1.02 -8.20 -1.29
N ARG B 87 -1.46 -8.01 -0.04
CA ARG B 87 -1.02 -8.87 1.04
C ARG B 87 -1.30 -10.36 0.78
N ASN B 88 -2.39 -10.67 0.09
CA ASN B 88 -2.76 -12.06 -0.15
C ASN B 88 -1.62 -12.83 -0.83
N LEU B 89 -0.88 -12.17 -1.72
CA LEU B 89 0.26 -12.84 -2.38
C LEU B 89 1.60 -12.58 -1.70
N MET B 90 1.72 -11.45 -0.99
CA MET B 90 2.95 -11.24 -0.23
C MET B 90 3.11 -12.27 0.88
N THR B 91 2.00 -12.72 1.45
CA THR B 91 2.10 -13.81 2.45
C THR B 91 2.64 -15.08 1.83
N GLN B 92 2.19 -15.36 0.60
CA GLN B 92 2.60 -16.58 -0.10
C GLN B 92 4.10 -16.63 -0.36
N ILE B 93 4.69 -15.49 -0.74
CA ILE B 93 6.13 -15.42 -1.03
C ILE B 93 6.97 -15.25 0.25
N GLY B 94 6.30 -15.11 1.39
CA GLY B 94 6.96 -14.96 2.68
C GLY B 94 7.54 -13.58 2.91
N CYS B 95 6.89 -12.58 2.34
CA CYS B 95 7.34 -11.19 2.45
C CYS B 95 6.88 -10.57 3.77
N THR B 96 7.86 -10.00 4.49
CA THR B 96 7.59 -9.32 5.75
C THR B 96 8.09 -7.87 5.69
N LEU B 97 7.56 -7.03 6.57
CA LEU B 97 8.10 -5.69 6.81
C LEU B 97 9.06 -5.78 7.99
N ASN B 98 10.24 -5.19 7.84
CA ASN B 98 11.25 -5.32 8.87
C ASN B 98 11.89 -3.99 9.19
N PHE B 99 11.94 -3.66 10.48
CA PHE B 99 12.66 -2.48 10.94
C PHE B 99 13.08 -2.58 12.40
CA GLN C 1 0.09 7.88 -5.68
C GLN C 1 -0.28 7.33 -4.30
N VAL C 2 -1.58 7.12 -4.10
CA VAL C 2 -2.16 6.71 -2.82
C VAL C 2 -2.79 5.31 -2.93
N ASN C 3 -1.96 4.28 -3.00
CA ASN C 3 -2.45 2.98 -3.45
C ASN C 3 -2.94 2.02 -2.36
N PHE C 4 -4.05 1.34 -2.66
CA PHE C 4 -4.80 0.65 -1.63
C PHE C 4 -5.62 -0.56 -2.04
N LEU C 5 -6.52 -0.94 -1.12
CA LEU C 5 -7.50 -1.97 -1.38
C LEU C 5 -8.09 -2.49 -0.07
N GLY C 6 -9.29 -1.99 0.22
CA GLY C 6 -10.10 -2.47 1.34
C GLY C 6 -11.56 -2.16 1.02
N LYS C 7 -12.09 -2.82 -0.01
CA LYS C 7 -11.34 -3.82 -0.76
C LYS C 7 -10.46 -3.23 -1.86
#